data_5C92
#
_entry.id   5C92
#
_cell.length_a   81.580
_cell.length_b   81.580
_cell.length_c   154.250
_cell.angle_alpha   90.00
_cell.angle_beta   90.00
_cell.angle_gamma   90.00
#
_symmetry.space_group_name_H-M   'P 43 21 2'
#
loop_
_entity.id
_entity.type
_entity.pdbx_description
1 polymer 'Kelch domain-containing protein'
2 non-polymer 2-acetamido-2-deoxy-beta-D-glucopyranose
3 non-polymer 'COPPER (I) ION'
4 non-polymer 'ACETATE ION'
5 water water
#
_entity_poly.entity_id   1
_entity_poly.type   'polypeptide(L)'
_entity_poly.pdbx_seq_one_letter_code
;QNVGKWGPMVKFPVVPVAVALVPETGNLLVWSSGWPNRWTTAGNGKTYTSLYNVNTGNISDAIVQNTQHDMFCPGTSLDA
DGRIIVTGGSSAAKTSVLDFKKGESSPWTPLSNMQISRGYQSSCTTSEGKIFVIGGSFSGAGTRNGEVYDPKANTWTKLA
GCPVKPLVMQRGMFPDSHAWLWSWKNGSVLQAGPSKKMNWYDTKGTGSNTPAGLRGTDEDSMCGVSVMYDAVAGKIFTYG
GGKGYTGYDSTSNAHILTLGEPGQAVQVQKLANGKYNRGFANAVVMPDGKIWVVGGMQKMWLFSDTTPQLTPELFDPATG
SFTPTTPHTVPRNYHSTALLMADATIWSGGGGLCGANCKENHFDGQFWSPPYLFEADGVTPAKRPVIQSLSDTAVRAGAP
ITITMQDAGAYTFSMIRVSATTHTVNTDQRRIPLDGQDGGDGKSFTVNVPNDYGVAIPGYYMLFAMNEAGVPCVAQFFKV
TLHHHHHH
;
_entity_poly.pdbx_strand_id   A
#
loop_
_chem_comp.id
_chem_comp.type
_chem_comp.name
_chem_comp.formula
ACT non-polymer 'ACETATE ION' 'C2 H3 O2 -1'
CU1 non-polymer 'COPPER (I) ION' 'Cu 1'
NAG D-saccharide, beta linking 2-acetamido-2-deoxy-beta-D-glucopyranose 'C8 H15 N O6'
#
# COMPACT_ATOMS: atom_id res chain seq x y z
N ASN A 2 -21.17 -1.40 17.20
CA ASN A 2 -20.21 -0.54 16.42
C ASN A 2 -19.24 -1.32 15.52
N VAL A 3 -19.60 -1.35 14.22
CA VAL A 3 -18.91 -2.00 13.08
C VAL A 3 -18.53 -0.93 12.01
N GLY A 4 -18.47 0.33 12.44
CA GLY A 4 -18.21 1.46 11.52
C GLY A 4 -19.35 1.75 10.56
N LYS A 5 -19.09 2.51 9.49
CA LYS A 5 -20.18 2.99 8.65
C LYS A 5 -19.66 3.37 7.30
N TRP A 6 -20.42 3.07 6.28
CA TRP A 6 -20.06 3.45 4.95
C TRP A 6 -20.48 4.87 4.70
N GLY A 7 -19.67 5.58 3.95
CA GLY A 7 -19.98 6.88 3.45
C GLY A 7 -20.68 6.77 2.10
N PRO A 8 -21.03 7.91 1.52
CA PRO A 8 -21.78 7.92 0.23
C PRO A 8 -20.91 7.45 -0.94
N MET A 9 -21.55 6.97 -1.96
CA MET A 9 -20.84 6.38 -3.04
C MET A 9 -20.39 7.46 -4.00
N VAL A 10 -19.22 7.26 -4.56
CA VAL A 10 -18.72 8.11 -5.59
C VAL A 10 -18.47 7.26 -6.81
N LYS A 11 -18.46 7.90 -7.97
CA LYS A 11 -18.28 7.19 -9.22
C LYS A 11 -17.32 7.98 -10.10
N PHE A 12 -16.09 7.47 -10.21
CA PHE A 12 -15.10 8.11 -11.00
C PHE A 12 -15.33 7.91 -12.51
N PRO A 13 -14.74 8.77 -13.31
CA PRO A 13 -14.84 8.72 -14.77
C PRO A 13 -13.73 7.86 -15.35
N VAL A 14 -12.87 7.30 -14.50
CA VAL A 14 -12.03 6.16 -14.87
C VAL A 14 -12.18 5.04 -13.81
N VAL A 15 -11.90 3.80 -14.16
CA VAL A 15 -11.98 2.73 -13.17
C VAL A 15 -10.75 2.83 -12.28
N PRO A 16 -10.95 3.02 -10.96
CA PRO A 16 -9.80 3.28 -10.07
C PRO A 16 -9.05 2.00 -9.74
N VAL A 17 -8.32 1.48 -10.74
CA VAL A 17 -7.47 0.31 -10.65
C VAL A 17 -6.16 0.53 -9.87
N ALA A 18 -5.65 1.75 -9.93
CA ALA A 18 -4.52 2.17 -9.11
C ALA A 18 -4.93 3.47 -8.47
N VAL A 19 -4.48 3.65 -7.25
CA VAL A 19 -4.78 4.83 -6.47
C VAL A 19 -3.59 5.21 -5.61
N ALA A 20 -3.48 6.50 -5.33
CA ALA A 20 -2.39 7.04 -4.50
C ALA A 20 -2.89 8.17 -3.64
N LEU A 21 -2.47 8.20 -2.38
CA LEU A 21 -2.69 9.38 -1.54
C LEU A 21 -1.63 10.46 -1.79
N VAL A 22 -2.08 11.68 -2.11
CA VAL A 22 -1.14 12.76 -2.47
C VAL A 22 -0.69 13.43 -1.16
N PRO A 23 0.63 13.56 -0.97
CA PRO A 23 1.10 14.22 0.22
C PRO A 23 0.56 15.67 0.37
N GLU A 24 0.46 16.09 1.62
CA GLU A 24 0.09 17.45 2.04
C GLU A 24 -1.39 17.75 1.96
N THR A 25 -2.02 17.58 0.80
CA THR A 25 -3.49 17.67 0.76
C THR A 25 -4.18 16.42 1.30
N GLY A 26 -3.64 15.25 0.97
CA GLY A 26 -4.40 14.02 1.16
C GLY A 26 -5.46 13.73 0.10
N ASN A 27 -5.38 14.40 -1.04
CA ASN A 27 -6.28 14.06 -2.13
C ASN A 27 -5.96 12.65 -2.65
N LEU A 28 -6.94 12.04 -3.27
CA LEU A 28 -6.83 10.68 -3.79
C LEU A 28 -6.79 10.72 -5.30
N LEU A 29 -5.64 10.35 -5.82
CA LEU A 29 -5.41 10.31 -7.25
C LEU A 29 -5.68 8.87 -7.73
N VAL A 30 -6.42 8.71 -8.84
CA VAL A 30 -6.78 7.37 -9.32
C VAL A 30 -6.44 7.34 -10.76
N TRP A 31 -6.01 6.17 -11.23
CA TRP A 31 -5.78 5.95 -12.66
C TRP A 31 -6.05 4.57 -13.17
N SER A 32 -6.32 4.48 -14.48
CA SER A 32 -6.64 3.22 -15.12
C SER A 32 -5.49 2.80 -16.03
N SER A 33 -5.43 3.46 -17.17
CA SER A 33 -4.60 3.03 -18.29
C SER A 33 -4.73 4.07 -19.39
N GLY A 34 -4.38 3.64 -20.61
CA GLY A 34 -4.55 4.47 -21.80
C GLY A 34 -5.97 4.68 -22.26
N TRP A 35 -6.92 4.01 -21.62
CA TRP A 35 -8.34 4.27 -21.77
C TRP A 35 -8.99 4.31 -20.38
N PRO A 36 -10.18 4.94 -20.29
CA PRO A 36 -10.86 5.01 -18.98
C PRO A 36 -11.37 3.63 -18.50
N ASN A 37 -11.65 2.74 -19.46
CA ASN A 37 -12.49 1.57 -19.23
C ASN A 37 -11.90 0.30 -19.81
N ARG A 38 -10.67 0.36 -20.30
CA ARG A 38 -10.06 -0.86 -20.81
C ARG A 38 -8.53 -0.77 -20.85
N TRP A 39 -7.89 -1.87 -21.24
CA TRP A 39 -6.43 -1.95 -21.28
C TRP A 39 -5.98 -2.87 -22.43
N THR A 40 -4.70 -2.80 -22.80
CA THR A 40 -4.05 -3.80 -23.67
C THR A 40 -2.61 -4.00 -23.17
N THR A 41 -1.97 -5.10 -23.56
CA THR A 41 -0.61 -5.37 -23.06
C THR A 41 0.36 -4.28 -23.52
N ALA A 42 0.21 -3.85 -24.78
CA ALA A 42 1.08 -2.86 -25.40
C ALA A 42 0.73 -1.46 -24.89
N GLY A 43 -0.57 -1.30 -24.57
CA GLY A 43 -1.08 -0.03 -24.05
C GLY A 43 -1.24 1.07 -25.08
N ASN A 44 -1.71 2.22 -24.61
CA ASN A 44 -2.09 3.33 -25.49
C ASN A 44 -1.09 4.49 -25.43
N GLY A 45 0.10 4.24 -24.90
CA GLY A 45 1.13 5.28 -24.81
C GLY A 45 0.74 6.48 -23.95
N LYS A 46 -0.27 6.30 -23.07
CA LYS A 46 -0.76 7.37 -22.22
C LYS A 46 -1.61 6.81 -21.07
N THR A 47 -1.92 7.66 -20.07
CA THR A 47 -2.79 7.29 -18.93
C THR A 47 -3.81 8.38 -18.60
N TYR A 48 -5.06 7.95 -18.45
CA TYR A 48 -6.15 8.65 -17.82
C TYR A 48 -6.14 8.58 -16.31
N THR A 49 -6.31 9.76 -15.70
CA THR A 49 -6.36 9.88 -14.27
C THR A 49 -7.54 10.77 -13.85
N SER A 50 -7.92 10.62 -12.58
CA SER A 50 -8.95 11.45 -11.95
C SER A 50 -8.57 11.62 -10.49
N LEU A 51 -9.13 12.63 -9.86
CA LEU A 51 -8.71 13.06 -8.53
C LEU A 51 -9.91 13.45 -7.68
N TYR A 52 -9.97 12.87 -6.48
CA TYR A 52 -10.94 13.18 -5.46
C TYR A 52 -10.27 14.15 -4.51
N ASN A 53 -10.90 15.31 -4.33
CA ASN A 53 -10.39 16.36 -3.45
C ASN A 53 -11.00 16.19 -2.11
N VAL A 54 -10.18 15.96 -1.07
CA VAL A 54 -10.72 15.76 0.28
C VAL A 54 -11.10 17.06 0.97
N ASN A 55 -10.55 18.19 0.57
CA ASN A 55 -10.98 19.44 1.15
C ASN A 55 -12.41 19.76 0.68
N THR A 56 -12.75 19.55 -0.60
CA THR A 56 -14.07 19.97 -1.10
C THR A 56 -15.08 18.85 -1.14
N GLY A 57 -14.61 17.62 -1.28
CA GLY A 57 -15.48 16.44 -1.45
C GLY A 57 -15.83 16.20 -2.92
N ASN A 58 -15.17 16.86 -3.86
CA ASN A 58 -15.54 16.70 -5.24
C ASN A 58 -14.43 16.05 -6.08
N ILE A 59 -14.87 15.45 -7.18
CA ILE A 59 -14.05 14.69 -8.11
C ILE A 59 -13.93 15.47 -9.38
N SER A 60 -12.75 15.42 -9.96
CA SER A 60 -12.54 16.07 -11.22
C SER A 60 -12.61 15.10 -12.36
N ASP A 61 -12.97 15.60 -13.55
CA ASP A 61 -13.22 14.74 -14.71
C ASP A 61 -11.87 14.21 -15.22
N ALA A 62 -11.94 13.12 -15.97
CA ALA A 62 -10.78 12.36 -16.44
C ALA A 62 -9.88 13.22 -17.29
N ILE A 63 -8.56 13.15 -17.11
CA ILE A 63 -7.61 13.81 -18.01
C ILE A 63 -6.53 12.82 -18.47
N VAL A 64 -5.91 13.14 -19.60
CA VAL A 64 -4.75 12.42 -20.03
C VAL A 64 -3.57 13.06 -19.38
N GLN A 65 -3.14 12.54 -18.25
CA GLN A 65 -2.16 13.24 -17.43
C GLN A 65 -0.77 12.75 -17.69
N ASN A 66 -0.67 11.58 -18.27
CA ASN A 66 0.62 11.05 -18.68
C ASN A 66 0.54 10.79 -20.16
N THR A 67 1.37 11.49 -20.93
CA THR A 67 1.19 11.45 -22.37
C THR A 67 2.22 10.57 -23.03
N GLN A 68 3.15 10.01 -22.25
CA GLN A 68 4.20 9.09 -22.77
C GLN A 68 4.12 7.63 -22.27
N HIS A 69 3.38 7.39 -21.18
CA HIS A 69 3.45 6.10 -20.49
C HIS A 69 2.05 5.64 -20.11
N ASP A 70 1.69 4.44 -20.56
CA ASP A 70 0.46 3.79 -20.15
C ASP A 70 0.80 3.03 -18.85
N MET A 71 0.35 3.60 -17.72
CA MET A 71 0.76 3.17 -16.40
C MET A 71 -0.14 2.04 -15.81
N PHE A 72 -0.86 1.33 -16.66
CA PHE A 72 -1.54 0.12 -16.26
C PHE A 72 -0.53 -0.96 -15.91
N CYS A 73 -0.83 -1.68 -14.84
CA CYS A 73 -0.03 -2.85 -14.42
C CYS A 73 1.41 -2.48 -14.00
N PRO A 74 1.61 -1.37 -13.22
CA PRO A 74 2.95 -0.95 -12.96
C PRO A 74 3.44 -1.35 -11.59
N GLY A 75 4.71 -1.09 -11.35
CA GLY A 75 5.24 -0.90 -9.98
C GLY A 75 4.91 0.51 -9.50
N THR A 76 4.68 0.69 -8.20
CA THR A 76 4.51 2.03 -7.60
C THR A 76 5.30 2.13 -6.32
N SER A 77 5.87 3.31 -6.10
CA SER A 77 6.52 3.64 -4.83
C SER A 77 6.53 5.18 -4.64
N LEU A 78 6.45 5.61 -3.40
CA LEU A 78 6.68 7.00 -3.13
C LEU A 78 8.11 7.20 -2.61
N ASP A 79 8.80 8.15 -3.21
CA ASP A 79 10.18 8.40 -2.85
C ASP A 79 10.31 9.33 -1.67
N ALA A 80 11.55 9.67 -1.33
CA ALA A 80 11.84 10.41 -0.05
C ALA A 80 11.17 11.78 0.00
N ASP A 81 10.87 12.33 -1.15
CA ASP A 81 10.22 13.65 -1.21
C ASP A 81 8.76 13.57 -1.55
N GLY A 82 8.14 12.39 -1.50
CA GLY A 82 6.70 12.33 -1.75
C GLY A 82 6.34 12.28 -3.24
N ARG A 83 7.32 12.09 -4.10
CA ARG A 83 7.07 11.90 -5.49
C ARG A 83 6.57 10.47 -5.72
N ILE A 84 5.59 10.34 -6.59
CA ILE A 84 5.05 9.05 -6.90
C ILE A 84 5.76 8.53 -8.11
N ILE A 85 6.49 7.43 -7.93
CA ILE A 85 7.28 6.86 -9.03
C ILE A 85 6.64 5.56 -9.50
N VAL A 86 6.23 5.56 -10.76
CA VAL A 86 5.50 4.46 -11.35
C VAL A 86 6.32 3.86 -12.49
N THR A 87 6.49 2.56 -12.45
CA THR A 87 7.32 1.86 -13.41
C THR A 87 6.54 0.85 -14.24
N GLY A 88 6.93 0.76 -15.50
CA GLY A 88 6.62 -0.37 -16.33
C GLY A 88 5.14 -0.50 -16.55
N GLY A 89 4.70 -1.74 -16.75
CA GLY A 89 3.33 -1.98 -17.10
C GLY A 89 3.16 -2.01 -18.58
N SER A 90 2.06 -1.44 -19.07
CA SER A 90 1.78 -1.43 -20.50
C SER A 90 2.85 -0.75 -21.37
N SER A 91 3.44 0.34 -20.89
CA SER A 91 4.72 0.83 -21.44
C SER A 91 5.89 0.28 -20.60
N ALA A 92 6.37 -0.91 -20.98
CA ALA A 92 7.00 -1.82 -20.02
C ALA A 92 8.42 -1.39 -19.59
N ALA A 93 9.02 -0.46 -20.32
CA ALA A 93 10.40 0.03 -20.11
C ALA A 93 10.46 1.32 -19.28
N LYS A 94 9.33 2.00 -19.21
CA LYS A 94 9.30 3.38 -18.78
C LYS A 94 9.21 3.57 -17.25
N THR A 95 9.78 4.69 -16.80
CA THR A 95 9.56 5.20 -15.47
C THR A 95 8.98 6.60 -15.60
N SER A 96 7.91 6.88 -14.84
CA SER A 96 7.35 8.22 -14.77
C SER A 96 7.27 8.67 -13.35
N VAL A 97 7.16 9.98 -13.16
CA VAL A 97 7.10 10.55 -11.83
C VAL A 97 6.09 11.71 -11.73
N LEU A 98 5.36 11.75 -10.63
CA LEU A 98 4.50 12.91 -10.33
C LEU A 98 4.97 13.51 -9.03
N ASP A 99 5.36 14.78 -9.16
CA ASP A 99 5.76 15.61 -8.03
C ASP A 99 4.59 16.49 -7.72
N PHE A 100 3.95 16.21 -6.59
CA PHE A 100 2.70 16.93 -6.26
C PHE A 100 2.84 18.47 -6.18
N LYS A 101 4.02 18.94 -5.76
CA LYS A 101 4.35 20.36 -5.57
C LYS A 101 4.06 21.13 -6.87
N LYS A 102 4.34 20.50 -7.99
CA LYS A 102 4.16 21.11 -9.31
C LYS A 102 2.73 21.10 -9.79
N GLY A 103 1.83 20.48 -9.06
CA GLY A 103 0.45 20.37 -9.44
C GLY A 103 -0.03 18.91 -9.48
N GLU A 104 -1.11 18.65 -8.78
CA GLU A 104 -1.66 17.28 -8.68
C GLU A 104 -2.20 16.83 -10.01
N SER A 105 -2.56 17.79 -10.87
CA SER A 105 -3.01 17.46 -12.22
C SER A 105 -2.05 17.85 -13.29
N SER A 106 -0.80 18.10 -12.91
CA SER A 106 0.21 18.49 -13.88
C SER A 106 0.83 17.22 -14.54
N PRO A 107 1.46 17.39 -15.68
CA PRO A 107 1.94 16.22 -16.41
C PRO A 107 2.90 15.34 -15.61
N TRP A 108 2.71 14.04 -15.74
CA TRP A 108 3.71 13.15 -15.24
C TRP A 108 4.92 13.34 -16.14
N THR A 109 6.12 13.21 -15.62
CA THR A 109 7.32 13.42 -16.43
C THR A 109 8.23 12.18 -16.42
N PRO A 110 9.10 12.06 -17.44
CA PRO A 110 9.87 10.82 -17.56
C PRO A 110 11.09 10.74 -16.66
N LEU A 111 11.49 9.55 -16.27
CA LEU A 111 12.79 9.30 -15.66
C LEU A 111 13.47 8.24 -16.50
N SER A 112 14.63 7.76 -16.10
CA SER A 112 15.30 6.75 -16.95
C SER A 112 14.46 5.49 -17.06
N ASN A 113 14.41 4.95 -18.28
CA ASN A 113 13.97 3.60 -18.53
C ASN A 113 14.61 2.61 -17.59
N MET A 114 13.84 1.60 -17.18
CA MET A 114 14.42 0.47 -16.48
C MET A 114 15.37 -0.33 -17.38
N GLN A 115 16.33 -1.02 -16.76
CA GLN A 115 17.22 -1.96 -17.48
C GLN A 115 16.46 -3.15 -18.00
N ILE A 116 15.53 -3.64 -17.20
CA ILE A 116 14.68 -4.73 -17.64
C ILE A 116 13.23 -4.32 -17.74
N SER A 117 12.65 -4.48 -18.91
CA SER A 117 11.26 -4.18 -19.11
C SER A 117 10.32 -5.17 -18.39
N ARG A 118 9.25 -4.64 -17.77
CA ARG A 118 8.44 -5.45 -16.89
C ARG A 118 7.08 -4.83 -16.57
N GLY A 119 6.19 -5.70 -16.09
CA GLY A 119 4.85 -5.34 -15.71
C GLY A 119 4.35 -6.29 -14.63
N TYR A 120 3.58 -5.77 -13.67
CA TYR A 120 3.13 -6.50 -12.47
C TYR A 120 4.25 -6.86 -11.58
N GLN A 121 5.36 -6.15 -11.70
CA GLN A 121 6.39 -6.23 -10.68
C GLN A 121 5.92 -5.54 -9.37
N SER A 122 6.72 -5.70 -8.33
CA SER A 122 6.59 -4.90 -7.14
C SER A 122 7.80 -4.00 -7.03
N SER A 123 7.57 -2.81 -6.49
CA SER A 123 8.52 -1.75 -6.35
C SER A 123 8.45 -1.32 -4.92
N CYS A 124 9.63 -1.10 -4.32
CA CYS A 124 9.66 -0.52 -2.98
C CYS A 124 10.79 0.48 -2.78
N THR A 125 10.52 1.43 -1.89
CA THR A 125 11.47 2.44 -1.49
C THR A 125 12.29 1.87 -0.32
N THR A 126 13.62 1.80 -0.53
CA THR A 126 14.56 1.19 0.43
C THR A 126 14.97 2.19 1.46
N SER A 127 15.63 1.72 2.52
CA SER A 127 16.11 2.56 3.60
C SER A 127 17.08 3.68 3.14
N GLU A 128 17.66 3.53 1.94
CA GLU A 128 18.50 4.57 1.33
C GLU A 128 17.72 5.52 0.40
N GLY A 129 16.38 5.36 0.33
CA GLY A 129 15.59 6.19 -0.56
C GLY A 129 15.75 5.76 -1.99
N LYS A 130 16.38 4.61 -2.24
CA LYS A 130 16.34 4.08 -3.60
C LYS A 130 15.05 3.29 -3.88
N ILE A 131 14.78 2.98 -5.14
CA ILE A 131 13.59 2.23 -5.55
C ILE A 131 14.04 0.89 -6.12
N PHE A 132 13.63 -0.20 -5.46
CA PHE A 132 14.00 -1.57 -5.89
C PHE A 132 12.81 -2.20 -6.53
N VAL A 133 12.95 -2.69 -7.75
CA VAL A 133 11.96 -3.54 -8.38
C VAL A 133 12.44 -4.98 -8.64
N ILE A 134 11.49 -5.91 -8.63
CA ILE A 134 11.80 -7.33 -8.98
C ILE A 134 10.59 -8.03 -9.51
N GLY A 135 10.82 -8.86 -10.49
CA GLY A 135 9.81 -9.63 -11.08
C GLY A 135 9.01 -8.90 -12.12
N GLY A 136 7.85 -9.48 -12.44
CA GLY A 136 6.83 -8.84 -13.24
C GLY A 136 6.82 -9.19 -14.73
N SER A 137 6.00 -10.17 -15.10
CA SER A 137 6.05 -10.75 -16.42
C SER A 137 4.73 -10.50 -17.13
N PHE A 138 3.94 -9.54 -16.67
CA PHE A 138 2.80 -9.11 -17.48
C PHE A 138 3.21 -8.55 -18.86
N SER A 139 4.31 -7.80 -18.84
CA SER A 139 4.88 -7.26 -20.06
C SER A 139 6.39 -7.37 -19.98
N GLY A 140 7.06 -6.89 -21.02
CA GLY A 140 8.52 -6.78 -21.05
C GLY A 140 9.12 -8.05 -21.59
N ALA A 141 10.40 -8.30 -21.28
CA ALA A 141 11.13 -9.44 -21.83
C ALA A 141 12.38 -9.74 -20.99
N GLY A 142 12.86 -10.99 -21.07
CA GLY A 142 13.99 -11.44 -20.28
C GLY A 142 13.57 -11.83 -18.88
N THR A 143 14.37 -12.71 -18.26
CA THR A 143 14.23 -12.99 -16.84
C THR A 143 14.12 -11.67 -16.04
N ARG A 144 13.03 -11.54 -15.28
CA ARG A 144 12.73 -10.28 -14.60
C ARG A 144 13.46 -10.17 -13.28
N ASN A 145 14.78 -10.13 -13.39
CA ASN A 145 15.63 -9.98 -12.23
C ASN A 145 15.57 -8.58 -11.57
N GLY A 146 16.21 -8.45 -10.42
CA GLY A 146 16.14 -7.25 -9.58
C GLY A 146 17.04 -6.12 -10.07
N GLU A 147 16.53 -4.90 -9.97
CA GLU A 147 17.27 -3.64 -10.23
C GLU A 147 16.83 -2.49 -9.31
N VAL A 148 17.70 -1.48 -9.21
CA VAL A 148 17.56 -0.45 -8.19
C VAL A 148 17.73 0.95 -8.82
N TYR A 149 16.85 1.88 -8.43
CA TYR A 149 16.80 3.23 -9.00
C TYR A 149 17.37 4.18 -7.99
N ASP A 150 18.38 4.90 -8.47
CA ASP A 150 19.00 6.00 -7.72
C ASP A 150 18.38 7.30 -8.22
N PRO A 151 17.56 7.94 -7.39
CA PRO A 151 16.82 9.13 -7.86
C PRO A 151 17.68 10.41 -7.89
N LYS A 152 18.79 10.46 -7.16
CA LYS A 152 19.83 11.51 -7.34
C LYS A 152 20.52 11.36 -8.69
N ALA A 153 21.05 10.19 -8.99
CA ALA A 153 21.67 9.93 -10.29
C ALA A 153 20.69 9.81 -11.44
N ASN A 154 19.42 9.52 -11.18
CA ASN A 154 18.50 9.11 -12.24
C ASN A 154 19.07 7.98 -13.09
N THR A 155 19.52 6.93 -12.43
CA THR A 155 19.93 5.70 -13.11
C THR A 155 19.27 4.46 -12.50
N TRP A 156 19.06 3.46 -13.35
CA TRP A 156 18.74 2.10 -13.00
C TRP A 156 19.94 1.16 -13.20
N THR A 157 20.20 0.31 -12.21
CA THR A 157 21.28 -0.65 -12.24
C THR A 157 20.79 -2.06 -11.92
N LYS A 158 21.08 -3.02 -12.80
CA LYS A 158 20.87 -4.44 -12.51
C LYS A 158 21.65 -4.86 -11.28
N LEU A 159 21.08 -5.73 -10.45
CA LEU A 159 21.79 -6.29 -9.31
C LEU A 159 21.95 -7.80 -9.50
N ALA A 160 23.10 -8.20 -10.02
CA ALA A 160 23.40 -9.61 -10.29
C ALA A 160 23.09 -10.50 -9.08
N GLY A 161 23.32 -9.98 -7.88
CA GLY A 161 23.00 -10.71 -6.64
C GLY A 161 21.53 -10.82 -6.20
N CYS A 162 20.60 -10.37 -7.04
CA CYS A 162 19.17 -10.23 -6.67
C CYS A 162 18.39 -10.86 -7.79
N PRO A 163 18.64 -12.16 -8.04
CA PRO A 163 17.85 -12.85 -9.03
C PRO A 163 16.38 -13.05 -8.57
N VAL A 164 15.50 -13.15 -9.55
CA VAL A 164 14.08 -13.42 -9.29
C VAL A 164 13.81 -14.88 -8.88
N LYS A 165 14.66 -15.78 -9.37
CA LYS A 165 14.44 -17.22 -9.26
C LYS A 165 13.93 -17.67 -7.88
N PRO A 166 14.62 -17.31 -6.81
CA PRO A 166 14.14 -17.90 -5.56
C PRO A 166 12.74 -17.46 -5.10
N LEU A 167 12.16 -16.40 -5.69
CA LEU A 167 10.81 -16.00 -5.29
C LEU A 167 9.69 -16.57 -6.17
N VAL A 168 10.04 -17.11 -7.33
CA VAL A 168 9.06 -17.54 -8.29
C VAL A 168 8.18 -18.60 -7.70
N MET A 169 6.85 -18.51 -7.84
CA MET A 169 6.00 -19.59 -7.35
C MET A 169 5.93 -20.80 -8.33
N GLN A 170 5.34 -21.89 -7.87
CA GLN A 170 5.28 -23.11 -8.65
C GLN A 170 4.27 -23.11 -9.79
N ARG A 171 3.06 -22.60 -9.56
CA ARG A 171 1.93 -22.70 -10.48
C ARG A 171 1.44 -21.31 -10.96
N GLY A 172 0.70 -21.35 -12.05
CA GLY A 172 -0.18 -20.29 -12.47
C GLY A 172 0.52 -19.21 -13.23
N MET A 173 -0.27 -18.26 -13.69
CA MET A 173 0.24 -17.12 -14.44
C MET A 173 1.13 -16.23 -13.57
N PHE A 174 2.07 -15.58 -14.25
CA PHE A 174 2.88 -14.52 -13.66
C PHE A 174 3.42 -14.92 -12.29
N PRO A 175 4.12 -16.05 -12.22
CA PRO A 175 4.51 -16.55 -10.90
C PRO A 175 5.65 -15.80 -10.22
N ASP A 176 6.26 -14.88 -10.97
CA ASP A 176 7.25 -13.94 -10.51
C ASP A 176 6.76 -12.52 -10.14
N SER A 177 5.45 -12.33 -10.08
CA SER A 177 4.83 -11.02 -10.01
C SER A 177 4.17 -10.76 -8.64
N HIS A 178 3.89 -9.48 -8.37
CA HIS A 178 3.29 -9.01 -7.18
C HIS A 178 3.98 -9.53 -5.91
N ALA A 179 5.30 -9.54 -5.88
CA ALA A 179 6.00 -9.92 -4.68
C ALA A 179 5.60 -9.04 -3.50
N TRP A 180 5.52 -9.66 -2.32
CA TRP A 180 5.29 -8.95 -1.07
C TRP A 180 6.60 -8.38 -0.49
N LEU A 181 7.02 -7.25 -1.03
CA LEU A 181 8.27 -6.62 -0.72
C LEU A 181 8.18 -5.68 0.47
N TRP A 182 9.06 -5.90 1.45
CA TRP A 182 9.09 -5.08 2.65
C TRP A 182 10.51 -4.63 2.94
N SER A 183 10.74 -3.35 2.72
CA SER A 183 12.03 -2.75 2.99
C SER A 183 12.40 -2.83 4.46
N TRP A 184 13.66 -3.13 4.72
CA TRP A 184 14.06 -3.22 6.12
C TRP A 184 15.51 -2.66 6.28
N LYS A 185 16.17 -3.05 7.38
CA LYS A 185 17.40 -2.40 7.86
C LYS A 185 18.52 -2.53 6.83
N ASN A 186 19.33 -1.48 6.74
CA ASN A 186 20.56 -1.53 5.96
C ASN A 186 20.32 -1.93 4.50
N GLY A 187 19.31 -1.34 3.85
CA GLY A 187 19.07 -1.58 2.42
C GLY A 187 18.51 -2.97 2.04
N SER A 188 18.04 -3.71 3.03
CA SER A 188 17.53 -5.05 2.82
C SER A 188 16.06 -4.93 2.40
N VAL A 189 15.60 -5.92 1.62
CA VAL A 189 14.16 -6.12 1.31
C VAL A 189 13.78 -7.57 1.59
N LEU A 190 12.74 -7.79 2.41
CA LEU A 190 12.13 -9.10 2.58
C LEU A 190 11.03 -9.27 1.53
N GLN A 191 11.18 -10.31 0.71
CA GLN A 191 10.11 -10.85 -0.08
C GLN A 191 9.39 -11.89 0.77
N ALA A 192 8.24 -11.49 1.27
CA ALA A 192 7.49 -12.22 2.31
C ALA A 192 6.52 -13.21 1.66
N GLY A 193 6.42 -13.15 0.35
CA GLY A 193 5.41 -13.91 -0.39
C GLY A 193 5.29 -13.28 -1.76
N PRO A 194 4.36 -13.74 -2.58
CA PRO A 194 3.40 -14.78 -2.28
C PRO A 194 3.89 -16.25 -2.23
N SER A 195 5.02 -16.58 -2.86
CA SER A 195 5.62 -17.89 -2.64
C SER A 195 5.77 -18.21 -1.14
N LYS A 196 5.43 -19.45 -0.78
CA LYS A 196 5.67 -19.93 0.57
C LYS A 196 7.15 -19.82 0.99
N LYS A 197 8.06 -19.78 0.04
CA LYS A 197 9.48 -19.52 0.32
C LYS A 197 9.79 -18.01 0.37
N MET A 198 10.15 -17.50 1.54
CA MET A 198 10.52 -16.09 1.72
C MET A 198 12.01 -15.93 1.57
N ASN A 199 12.44 -14.76 1.11
CA ASN A 199 13.84 -14.49 0.75
C ASN A 199 14.22 -13.05 1.10
N TRP A 200 15.42 -12.89 1.62
CA TRP A 200 16.00 -11.58 1.86
C TRP A 200 16.74 -11.18 0.63
N TYR A 201 16.61 -9.91 0.29
CA TYR A 201 17.43 -9.34 -0.73
C TYR A 201 18.20 -8.15 -0.13
N ASP A 202 19.41 -7.94 -0.63
CA ASP A 202 20.30 -6.82 -0.20
C ASP A 202 20.49 -5.94 -1.43
N THR A 203 19.98 -4.71 -1.33
CA THR A 203 19.96 -3.85 -2.52
C THR A 203 21.24 -3.05 -2.70
N LYS A 204 22.18 -3.14 -1.75
CA LYS A 204 23.49 -2.47 -1.85
C LYS A 204 24.48 -3.24 -2.71
N GLY A 205 25.39 -2.49 -3.31
CA GLY A 205 26.48 -3.08 -4.07
C GLY A 205 26.03 -3.69 -5.36
N THR A 206 26.44 -4.93 -5.60
CA THR A 206 25.92 -5.69 -6.75
C THR A 206 24.78 -6.62 -6.36
N GLY A 207 24.38 -6.57 -5.09
CA GLY A 207 23.21 -7.32 -4.62
C GLY A 207 23.58 -8.57 -3.87
N SER A 208 22.70 -9.05 -3.02
CA SER A 208 22.78 -10.43 -2.56
C SER A 208 21.38 -10.92 -2.19
N ASN A 209 21.24 -12.22 -2.00
CA ASN A 209 19.97 -12.76 -1.57
C ASN A 209 20.21 -14.00 -0.74
N THR A 210 19.31 -14.29 0.19
CA THR A 210 19.43 -15.51 0.96
C THR A 210 18.06 -15.91 1.51
N PRO A 211 17.83 -17.22 1.72
CA PRO A 211 16.52 -17.61 2.20
C PRO A 211 16.12 -16.96 3.48
N ALA A 212 14.83 -16.69 3.66
CA ALA A 212 14.36 -16.19 4.94
C ALA A 212 13.49 -17.20 5.67
N GLY A 213 13.27 -18.35 5.05
CA GLY A 213 12.46 -19.38 5.66
C GLY A 213 11.14 -19.49 4.92
N LEU A 214 10.41 -20.54 5.25
CA LEU A 214 9.07 -20.76 4.75
C LEU A 214 8.11 -19.91 5.54
N ARG A 215 6.97 -19.58 4.93
CA ARG A 215 5.93 -18.90 5.65
C ARG A 215 5.09 -19.93 6.40
N GLY A 216 5.70 -20.50 7.45
CA GLY A 216 5.04 -21.51 8.27
C GLY A 216 4.54 -22.66 7.43
N THR A 217 3.26 -23.01 7.63
CA THR A 217 2.61 -24.05 6.84
C THR A 217 1.84 -23.45 5.65
N ASP A 218 1.96 -22.16 5.38
CA ASP A 218 1.11 -21.57 4.34
C ASP A 218 1.47 -22.17 2.97
N GLU A 219 0.51 -22.20 2.06
CA GLU A 219 0.78 -22.48 0.67
C GLU A 219 1.11 -21.16 -0.05
N ASP A 220 1.62 -21.29 -1.29
CA ASP A 220 1.71 -20.21 -2.23
C ASP A 220 0.41 -19.43 -2.26
N SER A 221 0.55 -18.12 -2.29
CA SER A 221 -0.57 -17.20 -1.94
C SER A 221 -0.66 -15.95 -2.89
N MET A 222 -0.66 -16.19 -4.19
CA MET A 222 -0.74 -15.11 -5.15
C MET A 222 -1.96 -14.24 -4.90
N CYS A 223 -1.72 -12.94 -4.83
CA CYS A 223 -2.74 -11.88 -4.58
C CYS A 223 -3.42 -12.12 -3.24
N GLY A 224 -2.67 -12.75 -2.31
CA GLY A 224 -2.89 -12.42 -0.92
C GLY A 224 -2.37 -11.03 -0.58
N VAL A 225 -2.59 -10.61 0.65
CA VAL A 225 -2.22 -9.27 1.10
C VAL A 225 -1.29 -9.33 2.30
N SER A 226 -0.49 -8.28 2.44
CA SER A 226 0.32 -8.12 3.61
C SER A 226 0.50 -6.66 3.93
N VAL A 227 0.67 -6.38 5.21
CA VAL A 227 0.90 -5.03 5.66
C VAL A 227 1.79 -5.04 6.90
N MET A 228 2.75 -4.11 6.96
CA MET A 228 3.66 -3.96 8.14
C MET A 228 3.01 -3.04 9.16
N TYR A 229 2.28 -3.60 10.08
CA TYR A 229 1.42 -2.84 10.94
C TYR A 229 2.15 -2.26 12.18
N ASP A 230 3.37 -2.73 12.44
CA ASP A 230 4.21 -2.21 13.53
C ASP A 230 5.65 -2.35 13.15
N ALA A 231 6.13 -1.38 12.38
CA ALA A 231 7.47 -1.46 11.90
C ALA A 231 8.51 -1.55 13.04
N VAL A 232 8.21 -0.97 14.18
CA VAL A 232 9.17 -0.90 15.28
C VAL A 232 9.38 -2.29 15.83
N ALA A 233 8.30 -3.02 15.98
CA ALA A 233 8.38 -4.44 16.37
C ALA A 233 8.75 -5.38 15.23
N GLY A 234 8.84 -4.86 14.01
CA GLY A 234 9.08 -5.75 12.84
C GLY A 234 7.91 -6.66 12.43
N LYS A 235 6.70 -6.27 12.73
CA LYS A 235 5.55 -7.11 12.46
C LYS A 235 4.87 -6.83 11.14
N ILE A 236 4.58 -7.93 10.44
CA ILE A 236 3.83 -7.91 9.18
C ILE A 236 2.69 -8.92 9.26
N PHE A 237 1.49 -8.46 8.93
CA PHE A 237 0.31 -9.34 8.87
C PHE A 237 0.15 -9.78 7.40
N THR A 238 -0.13 -11.07 7.21
CA THR A 238 -0.44 -11.68 5.86
C THR A 238 -1.75 -12.42 5.86
N TYR A 239 -2.50 -12.26 4.77
CA TYR A 239 -3.80 -12.92 4.61
C TYR A 239 -4.08 -13.39 3.18
N GLY A 240 -4.57 -14.61 3.09
CA GLY A 240 -5.30 -15.10 1.90
C GLY A 240 -4.41 -15.32 0.70
N GLY A 241 -4.97 -15.14 -0.51
CA GLY A 241 -4.30 -15.59 -1.71
C GLY A 241 -4.57 -17.03 -2.13
N GLY A 242 -4.03 -17.39 -3.29
CA GLY A 242 -4.29 -18.72 -3.86
C GLY A 242 -3.04 -19.30 -4.45
N LYS A 243 -3.10 -20.61 -4.75
CA LYS A 243 -1.94 -21.42 -5.25
C LYS A 243 -1.51 -20.95 -6.61
N GLY A 244 -2.45 -20.37 -7.33
CA GLY A 244 -2.10 -19.72 -8.57
C GLY A 244 -2.81 -18.38 -8.73
N TYR A 245 -2.38 -17.62 -9.73
CA TYR A 245 -3.02 -16.34 -10.09
C TYR A 245 -4.51 -16.48 -10.29
N THR A 246 -4.89 -17.50 -11.07
CA THR A 246 -6.27 -17.89 -11.22
C THR A 246 -6.43 -19.40 -11.10
N GLY A 247 -7.67 -19.88 -11.03
CA GLY A 247 -7.91 -21.30 -11.14
C GLY A 247 -8.24 -22.06 -9.86
N TYR A 248 -7.88 -21.50 -8.71
CA TYR A 248 -7.96 -22.19 -7.43
C TYR A 248 -8.71 -21.34 -6.45
N ASP A 249 -9.22 -22.00 -5.40
CA ASP A 249 -9.80 -21.38 -4.23
C ASP A 249 -8.74 -20.57 -3.45
N SER A 250 -9.06 -19.32 -3.15
CA SER A 250 -8.27 -18.54 -2.19
C SER A 250 -8.40 -19.14 -0.76
N THR A 251 -7.56 -18.65 0.15
CA THR A 251 -7.57 -19.11 1.54
C THR A 251 -7.95 -18.00 2.44
N SER A 252 -8.36 -18.40 3.64
CA SER A 252 -8.51 -17.47 4.74
C SER A 252 -7.38 -17.53 5.75
N ASN A 253 -6.22 -17.99 5.30
CA ASN A 253 -5.08 -18.10 6.17
C ASN A 253 -4.51 -16.74 6.55
N ALA A 254 -4.13 -16.61 7.82
CA ALA A 254 -3.66 -15.35 8.39
C ALA A 254 -2.41 -15.63 9.19
N HIS A 255 -1.32 -14.92 8.90
CA HIS A 255 -0.06 -15.05 9.66
C HIS A 255 0.46 -13.73 10.16
N ILE A 256 1.32 -13.80 11.18
CA ILE A 256 2.12 -12.67 11.60
C ILE A 256 3.56 -13.05 11.42
N LEU A 257 4.32 -12.25 10.68
CA LEU A 257 5.76 -12.38 10.54
C LEU A 257 6.48 -11.37 11.42
N THR A 258 7.60 -11.81 11.97
CA THR A 258 8.39 -10.95 12.88
C THR A 258 9.80 -10.95 12.35
N LEU A 259 10.25 -9.79 11.92
CA LEU A 259 11.53 -9.65 11.27
C LEU A 259 12.54 -9.35 12.40
N GLY A 260 13.74 -9.91 12.29
CA GLY A 260 14.88 -9.51 13.14
C GLY A 260 15.92 -8.83 12.28
N GLU A 261 17.05 -9.51 12.07
CA GLU A 261 18.14 -8.97 11.31
C GLU A 261 17.95 -9.49 9.93
N PRO A 262 18.31 -8.68 8.91
CA PRO A 262 18.33 -9.16 7.56
C PRO A 262 19.24 -10.34 7.35
N GLY A 263 18.89 -11.22 6.43
CA GLY A 263 19.53 -12.51 6.31
C GLY A 263 19.23 -13.55 7.37
N GLN A 264 18.63 -13.21 8.50
CA GLN A 264 18.18 -14.22 9.49
C GLN A 264 16.78 -14.75 9.22
N ALA A 265 16.41 -15.81 9.92
CA ALA A 265 15.13 -16.43 9.75
C ALA A 265 14.01 -15.53 10.25
N VAL A 266 12.91 -15.51 9.53
CA VAL A 266 11.79 -14.66 9.93
C VAL A 266 10.88 -15.55 10.75
N GLN A 267 10.49 -15.12 11.93
CA GLN A 267 9.49 -15.86 12.68
C GLN A 267 8.06 -15.73 12.06
N VAL A 268 7.34 -16.83 12.06
CA VAL A 268 6.01 -16.93 11.52
C VAL A 268 5.11 -17.53 12.56
N GLN A 269 4.03 -16.80 12.90
CA GLN A 269 2.95 -17.35 13.66
C GLN A 269 1.65 -17.43 12.88
N LYS A 270 0.97 -18.56 13.03
CA LYS A 270 -0.30 -18.82 12.34
C LYS A 270 -1.48 -18.53 13.25
N LEU A 271 -2.31 -17.62 12.80
CA LEU A 271 -3.47 -17.20 13.55
C LEU A 271 -4.66 -18.02 13.20
N ALA A 272 -5.74 -17.83 13.96
CA ALA A 272 -7.03 -18.29 13.53
C ALA A 272 -7.37 -17.74 12.14
N ASN A 273 -7.94 -18.58 11.29
CA ASN A 273 -8.38 -18.13 9.95
C ASN A 273 -9.42 -17.03 10.03
N GLY A 274 -9.40 -16.15 9.04
CA GLY A 274 -10.52 -15.25 8.87
C GLY A 274 -11.78 -16.01 8.56
N LYS A 275 -12.92 -15.37 8.72
CA LYS A 275 -14.14 -15.97 8.32
C LYS A 275 -14.20 -16.16 6.78
N TYR A 276 -13.66 -15.24 6.00
CA TYR A 276 -13.84 -15.30 4.57
C TYR A 276 -12.53 -15.47 3.85
N ASN A 277 -12.49 -16.45 2.96
CA ASN A 277 -11.32 -16.64 2.07
C ASN A 277 -11.31 -15.64 0.94
N ARG A 278 -10.17 -15.05 0.64
CA ARG A 278 -10.06 -13.91 -0.26
C ARG A 278 -8.84 -13.98 -1.12
N GLY A 279 -9.05 -13.82 -2.41
CA GLY A 279 -8.00 -13.51 -3.35
C GLY A 279 -8.37 -12.23 -4.13
N PHE A 280 -7.40 -11.32 -4.35
CA PHE A 280 -7.64 -9.96 -4.89
C PHE A 280 -8.31 -8.98 -3.91
N ALA A 281 -8.13 -9.23 -2.61
CA ALA A 281 -8.52 -8.29 -1.55
C ALA A 281 -7.45 -7.21 -1.40
N ASN A 282 -7.75 -6.25 -0.55
CA ASN A 282 -6.79 -5.23 -0.13
C ASN A 282 -6.83 -5.21 1.37
N ALA A 283 -5.68 -4.93 1.96
CA ALA A 283 -5.52 -4.76 3.39
C ALA A 283 -4.96 -3.39 3.69
N VAL A 284 -5.56 -2.74 4.68
CA VAL A 284 -5.21 -1.36 5.04
C VAL A 284 -4.97 -1.28 6.58
N VAL A 285 -3.77 -0.86 6.98
CA VAL A 285 -3.48 -0.54 8.41
C VAL A 285 -3.95 0.88 8.81
N MET A 286 -4.71 0.89 9.89
CA MET A 286 -5.24 2.07 10.48
C MET A 286 -4.36 2.61 11.61
N PRO A 287 -4.56 3.89 11.97
CA PRO A 287 -3.66 4.50 12.99
C PRO A 287 -3.60 3.83 14.38
N ASP A 288 -4.62 3.08 14.76
CA ASP A 288 -4.61 2.31 16.02
C ASP A 288 -3.93 0.94 15.87
N GLY A 289 -3.42 0.62 14.69
CA GLY A 289 -2.82 -0.64 14.42
C GLY A 289 -3.74 -1.80 14.06
N LYS A 290 -5.05 -1.59 13.99
CA LYS A 290 -5.93 -2.52 13.35
C LYS A 290 -5.74 -2.57 11.82
N ILE A 291 -6.15 -3.69 11.24
CA ILE A 291 -6.05 -3.89 9.80
C ILE A 291 -7.41 -4.23 9.24
N TRP A 292 -7.78 -3.55 8.16
CA TRP A 292 -9.06 -3.79 7.55
C TRP A 292 -8.82 -4.57 6.24
N VAL A 293 -9.53 -5.67 6.07
CA VAL A 293 -9.34 -6.51 4.90
C VAL A 293 -10.67 -6.52 4.12
N VAL A 294 -10.62 -6.02 2.90
CA VAL A 294 -11.85 -5.77 2.15
C VAL A 294 -11.78 -6.39 0.75
N GLY A 295 -12.91 -6.97 0.34
CA GLY A 295 -13.02 -7.47 -1.02
C GLY A 295 -12.49 -8.85 -1.19
N GLY A 296 -12.15 -9.13 -2.43
CA GLY A 296 -11.65 -10.44 -2.83
C GLY A 296 -12.72 -11.43 -3.12
N MET A 297 -12.30 -12.52 -3.75
CA MET A 297 -13.22 -13.58 -4.13
C MET A 297 -12.68 -14.93 -3.69
N GLN A 298 -13.54 -15.95 -3.82
CA GLN A 298 -13.23 -17.31 -3.40
C GLN A 298 -12.49 -18.07 -4.47
N LYS A 299 -13.12 -18.34 -5.62
CA LYS A 299 -12.36 -19.00 -6.70
C LYS A 299 -11.88 -17.90 -7.63
N MET A 300 -10.57 -17.84 -7.84
CA MET A 300 -9.95 -16.68 -8.44
C MET A 300 -9.96 -16.70 -9.96
N TRP A 301 -10.63 -15.69 -10.53
CA TRP A 301 -10.64 -15.44 -11.95
C TRP A 301 -10.55 -13.93 -12.13
N LEU A 302 -10.08 -13.52 -13.31
CA LEU A 302 -9.93 -12.12 -13.67
C LEU A 302 -11.22 -11.57 -14.27
N PHE A 303 -11.47 -10.29 -14.08
CA PHE A 303 -12.62 -9.65 -14.71
C PHE A 303 -13.90 -10.36 -14.44
N SER A 304 -14.12 -10.72 -13.19
CA SER A 304 -15.27 -11.50 -12.83
C SER A 304 -15.81 -11.06 -11.49
N ASP A 305 -17.11 -10.95 -11.40
CA ASP A 305 -17.79 -10.69 -10.15
C ASP A 305 -18.28 -11.94 -9.40
N THR A 306 -17.81 -13.12 -9.80
CA THR A 306 -18.24 -14.37 -9.16
C THR A 306 -17.59 -14.55 -7.77
N THR A 307 -18.19 -15.43 -6.96
CA THR A 307 -17.87 -15.71 -5.54
C THR A 307 -17.27 -14.54 -4.75
N PRO A 308 -17.94 -13.37 -4.79
CA PRO A 308 -17.39 -12.18 -4.18
C PRO A 308 -17.49 -12.28 -2.70
N GLN A 309 -16.51 -11.80 -1.98
CA GLN A 309 -16.64 -11.66 -0.54
C GLN A 309 -17.05 -10.18 -0.23
N LEU A 310 -18.32 -9.98 0.10
CA LEU A 310 -18.90 -8.66 0.25
C LEU A 310 -18.84 -8.16 1.68
N THR A 311 -18.39 -9.00 2.63
CA THR A 311 -18.26 -8.62 4.01
C THR A 311 -16.80 -8.49 4.41
N PRO A 312 -16.36 -7.26 4.68
CA PRO A 312 -15.00 -7.09 5.10
C PRO A 312 -14.78 -7.50 6.53
N GLU A 313 -13.50 -7.61 6.91
CA GLU A 313 -13.12 -7.98 8.30
C GLU A 313 -12.05 -7.05 8.89
N LEU A 314 -12.24 -6.71 10.14
CA LEU A 314 -11.30 -5.92 10.87
C LEU A 314 -10.48 -6.89 11.68
N PHE A 315 -9.18 -6.88 11.51
CA PHE A 315 -8.35 -7.71 12.31
C PHE A 315 -7.67 -6.84 13.36
N ASP A 316 -7.70 -7.29 14.63
CA ASP A 316 -6.94 -6.61 15.72
C ASP A 316 -5.71 -7.44 16.18
N PRO A 317 -4.50 -7.00 15.85
CA PRO A 317 -3.35 -7.77 16.25
C PRO A 317 -3.21 -7.93 17.78
N ALA A 318 -3.84 -7.08 18.58
CA ALA A 318 -3.69 -7.19 20.03
C ALA A 318 -4.58 -8.32 20.58
N THR A 319 -5.62 -8.72 19.84
CA THR A 319 -6.45 -9.87 20.22
C THR A 319 -6.19 -11.10 19.32
N GLY A 320 -5.55 -10.94 18.17
CA GLY A 320 -5.43 -12.04 17.19
C GLY A 320 -6.75 -12.56 16.60
N SER A 321 -7.75 -11.68 16.57
CA SER A 321 -9.09 -12.05 16.22
C SER A 321 -9.58 -11.07 15.11
N PHE A 322 -10.54 -11.55 14.32
CA PHE A 322 -11.23 -10.82 13.29
C PHE A 322 -12.60 -10.47 13.76
N THR A 323 -13.16 -9.37 13.25
CA THR A 323 -14.56 -9.04 13.38
C THR A 323 -15.12 -8.57 11.99
N PRO A 324 -16.30 -9.06 11.59
CA PRO A 324 -16.92 -8.56 10.35
C PRO A 324 -17.42 -7.18 10.49
N THR A 325 -17.31 -6.42 9.38
CA THR A 325 -17.82 -5.08 9.32
C THR A 325 -18.97 -4.99 8.28
N THR A 326 -19.53 -3.81 8.09
CA THR A 326 -20.74 -3.73 7.29
C THR A 326 -20.45 -4.10 5.84
N PRO A 327 -21.28 -4.96 5.27
CA PRO A 327 -21.13 -5.45 3.91
C PRO A 327 -21.25 -4.32 2.88
N HIS A 328 -20.56 -4.44 1.76
CA HIS A 328 -20.81 -3.55 0.61
C HIS A 328 -21.63 -4.35 -0.37
N THR A 329 -22.21 -3.70 -1.36
CA THR A 329 -23.08 -4.41 -2.32
C THR A 329 -22.39 -4.75 -3.64
N VAL A 330 -21.32 -4.04 -3.99
CA VAL A 330 -20.62 -4.30 -5.25
C VAL A 330 -19.42 -5.20 -4.98
N PRO A 331 -19.13 -6.19 -5.83
CA PRO A 331 -17.89 -6.97 -5.64
C PRO A 331 -16.65 -6.11 -5.81
N ARG A 332 -15.59 -6.46 -5.10
CA ARG A 332 -14.35 -5.75 -5.16
C ARG A 332 -13.32 -6.82 -5.35
N ASN A 333 -13.26 -7.29 -6.59
CA ASN A 333 -12.44 -8.46 -6.92
C ASN A 333 -11.14 -8.00 -7.66
N TYR A 334 -10.79 -8.64 -8.77
CA TYR A 334 -9.61 -8.24 -9.51
C TYR A 334 -9.69 -6.78 -9.86
N HIS A 335 -8.55 -6.11 -9.78
CA HIS A 335 -8.43 -4.65 -10.04
C HIS A 335 -9.16 -3.68 -9.07
N SER A 336 -9.56 -4.18 -7.91
CA SER A 336 -10.09 -3.38 -6.82
C SER A 336 -8.96 -2.76 -6.03
N THR A 337 -9.24 -1.65 -5.33
CA THR A 337 -8.22 -0.93 -4.54
C THR A 337 -8.82 -0.49 -3.21
N ALA A 338 -7.96 -0.33 -2.19
CA ALA A 338 -8.35 0.29 -0.93
C ALA A 338 -7.18 1.05 -0.36
N LEU A 339 -7.44 2.13 0.38
CA LEU A 339 -6.34 3.01 0.84
C LEU A 339 -6.79 3.86 2.00
N LEU A 340 -5.87 4.07 2.92
CA LEU A 340 -6.13 4.87 4.10
C LEU A 340 -6.03 6.31 3.69
N MET A 341 -7.01 7.08 4.12
CA MET A 341 -7.05 8.55 3.94
C MET A 341 -6.55 9.30 5.20
N ALA A 342 -6.15 10.55 5.04
CA ALA A 342 -5.62 11.34 6.17
C ALA A 342 -6.63 11.64 7.25
N ASP A 343 -7.91 11.57 6.93
CA ASP A 343 -8.94 11.63 7.98
C ASP A 343 -9.29 10.28 8.61
N ALA A 344 -8.45 9.27 8.40
CA ALA A 344 -8.61 7.95 9.05
C ALA A 344 -9.79 7.13 8.54
N THR A 345 -10.48 7.60 7.49
CA THR A 345 -11.40 6.77 6.73
C THR A 345 -10.62 5.98 5.69
N ILE A 346 -11.31 5.08 5.00
CA ILE A 346 -10.66 4.16 4.09
C ILE A 346 -11.44 4.03 2.79
N TRP A 347 -10.76 4.39 1.72
CA TRP A 347 -11.26 4.22 0.37
C TRP A 347 -11.35 2.75 0.06
N SER A 348 -12.46 2.36 -0.58
CA SER A 348 -12.58 1.03 -1.22
C SER A 348 -13.34 1.21 -2.53
N GLY A 349 -12.80 0.71 -3.64
CA GLY A 349 -13.56 0.74 -4.85
C GLY A 349 -12.90 0.04 -6.00
N GLY A 350 -13.43 0.30 -7.19
CA GLY A 350 -12.83 -0.22 -8.37
C GLY A 350 -13.22 -1.66 -8.63
N GLY A 351 -12.37 -2.31 -9.42
CA GLY A 351 -12.69 -3.59 -9.99
C GLY A 351 -13.00 -3.54 -11.49
N GLY A 352 -12.58 -4.58 -12.21
CA GLY A 352 -12.91 -4.77 -13.63
C GLY A 352 -11.81 -4.29 -14.57
N LEU A 353 -12.16 -3.26 -15.35
CA LEU A 353 -11.33 -2.70 -16.46
C LEU A 353 -11.30 -3.64 -17.67
N CYS A 354 -12.49 -3.94 -18.20
CA CYS A 354 -12.62 -5.00 -19.20
C CYS A 354 -13.38 -4.55 -20.46
N GLY A 355 -13.48 -3.25 -20.73
CA GLY A 355 -14.02 -2.76 -22.01
C GLY A 355 -15.35 -2.06 -21.87
N ALA A 356 -15.81 -1.44 -22.96
CA ALA A 356 -17.11 -0.74 -22.99
C ALA A 356 -18.27 -1.70 -22.87
N ASN A 357 -19.27 -1.34 -22.08
CA ASN A 357 -20.40 -2.24 -21.77
C ASN A 357 -19.99 -3.59 -21.14
N CYS A 358 -18.95 -3.61 -20.31
CA CYS A 358 -18.60 -4.78 -19.51
C CYS A 358 -19.28 -4.57 -18.15
N LYS A 359 -20.19 -5.46 -17.77
CA LYS A 359 -20.87 -5.32 -16.50
C LYS A 359 -19.94 -5.57 -15.28
N GLU A 360 -18.70 -6.02 -15.51
CA GLU A 360 -17.76 -6.21 -14.40
C GLU A 360 -16.92 -4.96 -14.12
N ASN A 361 -17.08 -3.89 -14.94
CA ASN A 361 -16.41 -2.60 -14.67
C ASN A 361 -17.06 -1.91 -13.49
N HIS A 362 -16.27 -1.55 -12.49
CA HIS A 362 -16.82 -0.81 -11.34
C HIS A 362 -16.03 0.47 -11.21
N PHE A 363 -16.62 1.57 -11.69
CA PHE A 363 -16.03 2.90 -11.59
C PHE A 363 -16.20 3.49 -10.19
N ASP A 364 -16.98 2.85 -9.36
CA ASP A 364 -17.39 3.44 -8.13
C ASP A 364 -16.54 2.94 -6.93
N GLY A 365 -16.80 3.57 -5.80
CA GLY A 365 -16.32 3.17 -4.50
C GLY A 365 -16.93 4.05 -3.45
N GLN A 366 -16.47 3.84 -2.22
CA GLN A 366 -16.96 4.53 -1.03
C GLN A 366 -15.86 4.56 -0.02
N PHE A 367 -16.03 5.43 0.95
CA PHE A 367 -15.10 5.56 2.03
C PHE A 367 -15.75 4.94 3.26
N TRP A 368 -14.99 4.09 3.94
CA TRP A 368 -15.48 3.42 5.13
C TRP A 368 -14.88 4.11 6.36
N SER A 369 -15.80 4.53 7.21
CA SER A 369 -15.45 5.13 8.52
C SER A 369 -15.34 4.04 9.58
N PRO A 370 -14.14 3.79 10.12
CA PRO A 370 -14.04 2.70 11.10
C PRO A 370 -14.73 3.03 12.47
N PRO A 371 -14.90 2.02 13.36
CA PRO A 371 -15.50 2.21 14.72
C PRO A 371 -14.89 3.36 15.51
N TYR A 372 -13.59 3.58 15.38
CA TYR A 372 -12.96 4.63 16.15
C TYR A 372 -13.45 6.05 15.82
N LEU A 373 -14.24 6.21 14.76
CA LEU A 373 -14.80 7.53 14.46
C LEU A 373 -16.18 7.76 15.11
N PHE A 374 -16.68 6.74 15.81
CA PHE A 374 -18.03 6.81 16.38
C PHE A 374 -17.99 6.59 17.89
N GLU A 375 -19.04 7.06 18.57
CA GLU A 375 -19.19 6.86 20.01
C GLU A 375 -19.67 5.45 20.24
N ALA A 376 -19.78 5.04 21.51
CA ALA A 376 -20.02 3.63 21.87
C ALA A 376 -21.29 3.02 21.26
N ASP A 377 -22.28 3.86 20.97
CA ASP A 377 -23.48 3.45 20.23
C ASP A 377 -23.23 3.11 18.74
N GLY A 378 -22.03 3.38 18.25
CA GLY A 378 -21.64 3.02 16.88
C GLY A 378 -22.31 3.75 15.72
N VAL A 379 -22.95 4.88 16.01
CA VAL A 379 -23.70 5.63 15.00
C VAL A 379 -23.52 7.17 15.13
N THR A 380 -23.20 7.66 16.33
CA THR A 380 -22.93 9.08 16.53
C THR A 380 -21.44 9.42 16.36
N PRO A 381 -21.14 10.36 15.47
CA PRO A 381 -19.74 10.68 15.18
C PRO A 381 -19.08 11.32 16.39
N ALA A 382 -17.93 10.78 16.80
CA ALA A 382 -17.25 11.28 17.98
C ALA A 382 -16.49 12.58 17.67
N LYS A 383 -16.25 13.36 18.71
CA LYS A 383 -15.42 14.54 18.56
C LYS A 383 -13.99 14.08 18.37
N ARG A 384 -13.24 14.86 17.60
CA ARG A 384 -11.95 14.50 17.12
C ARG A 384 -10.96 15.52 17.63
N PRO A 385 -9.82 15.07 18.16
CA PRO A 385 -8.72 15.97 18.54
C PRO A 385 -8.11 16.65 17.33
N VAL A 386 -7.20 17.58 17.59
CA VAL A 386 -6.60 18.37 16.51
C VAL A 386 -5.14 18.60 16.78
N ILE A 387 -4.30 18.29 15.80
CA ILE A 387 -2.94 18.78 15.83
C ILE A 387 -2.89 20.21 15.25
N GLN A 388 -2.43 21.16 16.06
CA GLN A 388 -2.31 22.56 15.61
C GLN A 388 -1.07 22.74 14.77
N SER A 389 0.03 22.12 15.21
CA SER A 389 1.32 22.35 14.61
C SER A 389 2.23 21.17 14.88
N LEU A 390 3.20 21.04 14.00
CA LEU A 390 4.39 20.32 14.30
C LEU A 390 5.60 21.29 14.41
N SER A 391 6.52 20.98 15.33
CA SER A 391 7.76 21.72 15.47
C SER A 391 8.56 21.71 14.15
N ASP A 392 8.69 20.50 13.60
CA ASP A 392 9.41 20.20 12.35
C ASP A 392 8.57 19.32 11.42
N THR A 393 8.77 19.46 10.12
CA THR A 393 8.00 18.67 9.15
C THR A 393 8.91 17.90 8.22
N ALA A 394 10.22 18.07 8.38
CA ALA A 394 11.20 17.30 7.63
C ALA A 394 12.28 16.92 8.60
N VAL A 395 12.17 15.73 9.20
CA VAL A 395 13.11 15.32 10.24
C VAL A 395 13.91 14.09 9.84
N ARG A 396 15.08 13.94 10.44
CA ARG A 396 15.99 12.84 10.15
C ARG A 396 15.57 11.69 11.05
N ALA A 397 16.10 10.49 10.78
CA ALA A 397 15.88 9.32 11.63
C ALA A 397 16.41 9.62 13.04
N GLY A 398 15.65 9.30 14.08
CA GLY A 398 16.07 9.60 15.44
C GLY A 398 15.51 10.94 15.93
N ALA A 399 15.35 11.91 15.04
CA ALA A 399 15.06 13.30 15.46
C ALA A 399 13.71 13.43 16.14
N PRO A 400 13.60 14.38 17.10
CA PRO A 400 12.35 14.61 17.81
C PRO A 400 11.42 15.50 17.00
N ILE A 401 10.13 15.42 17.33
CA ILE A 401 9.13 16.29 16.74
C ILE A 401 8.26 16.61 17.88
N THR A 402 7.91 17.88 17.97
CA THR A 402 7.07 18.37 19.03
C THR A 402 5.74 18.71 18.41
N ILE A 403 4.72 18.09 18.99
CA ILE A 403 3.42 18.04 18.41
C ILE A 403 2.55 18.83 19.34
N THR A 404 1.87 19.82 18.79
CA THR A 404 1.07 20.68 19.63
C THR A 404 -0.40 20.46 19.34
N MET A 405 -1.06 19.84 20.32
CA MET A 405 -2.50 19.60 20.33
C MET A 405 -3.30 20.83 20.70
N GLN A 406 -4.45 20.98 20.06
CA GLN A 406 -5.44 22.03 20.35
C GLN A 406 -6.03 21.88 21.77
N ASP A 407 -6.25 20.67 22.24
CA ASP A 407 -6.91 20.44 23.54
C ASP A 407 -6.03 19.60 24.43
N ALA A 408 -5.97 19.97 25.72
CA ALA A 408 -5.14 19.27 26.70
C ALA A 408 -5.74 17.91 27.06
N GLY A 409 -4.88 16.89 27.23
CA GLY A 409 -5.36 15.53 27.52
C GLY A 409 -4.29 14.43 27.37
N ALA A 410 -4.73 13.18 27.59
CA ALA A 410 -3.91 11.98 27.35
C ALA A 410 -4.07 11.44 25.91
N TYR A 411 -2.98 11.49 25.13
CA TYR A 411 -2.97 11.12 23.71
C TYR A 411 -2.01 9.98 23.39
N THR A 412 -2.31 9.13 22.39
CA THR A 412 -1.31 8.22 21.81
C THR A 412 -1.03 8.63 20.36
N PHE A 413 0.11 8.21 19.82
CA PHE A 413 0.57 8.68 18.50
C PHE A 413 1.01 7.53 17.63
N SER A 414 0.85 7.69 16.32
CA SER A 414 1.48 6.82 15.35
C SER A 414 1.72 7.58 14.09
N MET A 415 2.72 7.13 13.33
CA MET A 415 2.92 7.65 12.00
C MET A 415 2.71 6.49 11.00
N ILE A 416 1.97 6.79 9.93
CA ILE A 416 1.70 5.83 8.86
C ILE A 416 2.20 6.38 7.55
N ARG A 417 3.04 5.60 6.88
CA ARG A 417 3.63 6.03 5.66
C ARG A 417 2.55 6.20 4.57
N VAL A 418 2.63 7.34 3.89
CA VAL A 418 1.78 7.66 2.78
C VAL A 418 2.03 6.67 1.64
N SER A 419 0.95 6.18 1.02
CA SER A 419 1.04 4.98 0.19
C SER A 419 0.16 5.03 -1.05
N ALA A 420 0.30 3.99 -1.84
CA ALA A 420 -0.40 3.84 -3.12
C ALA A 420 -0.60 2.36 -3.38
N THR A 421 -1.56 2.00 -4.21
CA THR A 421 -1.81 0.57 -4.40
C THR A 421 -2.43 0.30 -5.74
N THR A 422 -2.05 -0.87 -6.26
CA THR A 422 -2.69 -1.47 -7.43
C THR A 422 -2.38 -2.99 -7.41
N HIS A 423 -3.37 -3.78 -7.78
CA HIS A 423 -3.21 -5.23 -7.95
C HIS A 423 -2.84 -5.94 -6.66
N THR A 424 -3.34 -5.43 -5.53
CA THR A 424 -3.11 -5.90 -4.20
C THR A 424 -1.77 -5.48 -3.60
N VAL A 425 -0.91 -4.81 -4.37
CA VAL A 425 0.46 -4.52 -3.93
C VAL A 425 0.50 -3.11 -3.34
N ASN A 426 0.87 -3.02 -2.09
CA ASN A 426 1.15 -1.74 -1.45
C ASN A 426 2.37 -1.83 -0.56
N THR A 427 3.56 -1.61 -1.14
CA THR A 427 4.81 -1.67 -0.35
C THR A 427 5.06 -0.45 0.47
N ASP A 428 4.28 0.62 0.25
CA ASP A 428 4.59 1.92 0.79
C ASP A 428 3.99 2.07 2.13
N GLN A 429 3.00 1.24 2.46
CA GLN A 429 2.30 1.43 3.71
C GLN A 429 2.93 0.68 4.87
N ARG A 430 3.21 1.44 5.91
CA ARG A 430 3.70 0.92 7.16
C ARG A 430 3.31 1.83 8.30
N ARG A 431 3.04 1.21 9.42
CA ARG A 431 2.73 1.94 10.64
C ARG A 431 3.89 1.82 11.66
N ILE A 432 4.19 2.96 12.29
CA ILE A 432 5.15 3.06 13.40
C ILE A 432 4.40 3.67 14.59
N PRO A 433 4.09 2.87 15.65
CA PRO A 433 3.63 3.45 16.93
C PRO A 433 4.70 4.35 17.57
N LEU A 434 4.27 5.46 18.17
CA LEU A 434 5.20 6.46 18.72
C LEU A 434 4.89 6.72 20.20
N ASP A 435 5.83 6.52 21.12
CA ASP A 435 5.66 6.98 22.54
C ASP A 435 5.73 8.53 22.67
N GLY A 436 4.67 9.14 23.18
CA GLY A 436 4.62 10.60 23.30
C GLY A 436 4.97 11.05 24.72
N GLN A 437 5.88 12.02 24.82
CA GLN A 437 6.32 12.55 26.12
C GLN A 437 5.53 13.81 26.39
N ASP A 438 4.65 13.77 27.39
CA ASP A 438 3.93 14.97 27.78
C ASP A 438 4.92 16.11 28.12
N GLY A 439 4.72 17.28 27.54
CA GLY A 439 5.63 18.40 27.76
C GLY A 439 5.29 19.26 28.98
N GLY A 440 4.39 18.79 29.86
CA GLY A 440 3.92 19.58 30.99
C GLY A 440 2.45 19.93 30.89
N ASP A 441 2.06 20.49 29.76
CA ASP A 441 0.71 21.10 29.62
C ASP A 441 -0.40 20.18 29.13
N GLY A 442 -0.10 18.91 28.85
CA GLY A 442 -1.04 18.00 28.15
C GLY A 442 -1.47 18.43 26.75
N LYS A 443 -0.56 19.06 26.01
CA LYS A 443 -0.92 19.75 24.75
C LYS A 443 0.25 19.69 23.75
N SER A 444 1.44 20.03 24.25
CA SER A 444 2.70 19.77 23.58
C SER A 444 3.24 18.42 24.03
N PHE A 445 3.71 17.66 23.02
CA PHE A 445 4.20 16.27 23.16
C PHE A 445 5.37 16.07 22.22
N THR A 446 6.33 15.33 22.69
CA THR A 446 7.48 15.09 21.88
C THR A 446 7.62 13.60 21.63
N VAL A 447 7.85 13.29 20.35
CA VAL A 447 8.03 11.93 19.90
C VAL A 447 9.35 11.97 19.21
N ASN A 448 9.92 10.79 19.03
CA ASN A 448 11.05 10.65 18.14
C ASN A 448 10.77 9.66 17.02
N VAL A 449 11.18 10.02 15.82
CA VAL A 449 11.33 9.09 14.73
C VAL A 449 12.30 7.98 15.10
N PRO A 450 11.93 6.74 14.79
CA PRO A 450 12.86 5.66 15.02
C PRO A 450 14.18 5.98 14.41
N ASN A 451 15.22 5.42 15.02
CA ASN A 451 16.57 5.73 14.70
C ASN A 451 17.06 5.01 13.48
N ASP A 452 16.31 4.02 13.02
CA ASP A 452 16.70 3.23 11.85
C ASP A 452 15.84 3.59 10.63
N TYR A 453 16.50 3.84 9.51
CA TYR A 453 15.81 4.19 8.27
C TYR A 453 15.18 2.95 7.63
N GLY A 454 15.49 1.78 8.19
CA GLY A 454 14.88 0.55 7.78
C GLY A 454 13.53 0.39 8.41
N VAL A 455 13.31 1.10 9.51
CA VAL A 455 12.03 1.13 10.18
C VAL A 455 11.25 2.31 9.59
N ALA A 456 11.83 3.51 9.69
CA ALA A 456 11.24 4.75 9.15
C ALA A 456 11.81 4.98 7.76
N ILE A 457 11.18 4.34 6.81
CA ILE A 457 11.67 4.44 5.45
C ILE A 457 11.46 5.92 5.09
N PRO A 458 12.43 6.54 4.42
CA PRO A 458 12.35 7.95 4.08
C PRO A 458 11.04 8.26 3.32
N GLY A 459 10.48 9.43 3.53
CA GLY A 459 9.39 9.94 2.70
C GLY A 459 8.30 10.40 3.58
N TYR A 460 7.14 10.67 2.98
CA TYR A 460 6.05 11.29 3.74
C TYR A 460 5.25 10.30 4.60
N TYR A 461 4.81 10.78 5.76
CA TYR A 461 4.04 10.05 6.71
C TYR A 461 2.91 10.92 7.11
N MET A 462 1.86 10.27 7.62
CA MET A 462 0.80 10.93 8.35
C MET A 462 1.02 10.69 9.81
N LEU A 463 0.98 11.78 10.58
CA LEU A 463 1.05 11.73 12.04
C LEU A 463 -0.34 11.79 12.58
N PHE A 464 -0.77 10.74 13.27
CA PHE A 464 -2.07 10.74 13.89
C PHE A 464 -1.89 10.87 15.41
N ALA A 465 -2.80 11.59 16.03
CA ALA A 465 -2.92 11.57 17.50
C ALA A 465 -4.26 11.00 17.85
N MET A 466 -4.31 10.05 18.76
CA MET A 466 -5.57 9.53 19.19
C MET A 466 -5.79 9.91 20.66
N ASN A 467 -6.98 10.42 20.93
CA ASN A 467 -7.28 10.84 22.28
C ASN A 467 -7.57 9.60 23.12
N GLU A 468 -8.16 9.82 24.29
CA GLU A 468 -8.22 8.82 25.35
C GLU A 468 -9.37 7.86 25.01
N ALA A 469 -10.39 8.35 24.33
CA ALA A 469 -11.40 7.47 23.72
C ALA A 469 -10.87 6.60 22.54
N GLY A 470 -9.68 6.83 22.02
CA GLY A 470 -9.26 6.14 20.77
C GLY A 470 -9.62 6.86 19.47
N VAL A 471 -10.13 8.09 19.55
CA VAL A 471 -10.56 8.83 18.36
C VAL A 471 -9.38 9.53 17.76
N PRO A 472 -9.10 9.25 16.46
CA PRO A 472 -7.92 9.84 15.88
C PRO A 472 -8.24 11.22 15.34
N CYS A 473 -7.22 12.06 15.28
CA CYS A 473 -7.34 13.34 14.64
C CYS A 473 -7.23 13.14 13.11
N VAL A 474 -7.50 14.18 12.36
CA VAL A 474 -7.03 14.26 10.98
C VAL A 474 -5.50 14.45 10.92
N ALA A 475 -4.82 13.57 10.22
CA ALA A 475 -3.35 13.60 10.28
C ALA A 475 -2.70 14.89 9.78
N GLN A 476 -1.51 15.16 10.29
CA GLN A 476 -0.63 16.09 9.69
C GLN A 476 0.36 15.30 8.90
N PHE A 477 0.89 15.90 7.86
CA PHE A 477 1.87 15.29 7.05
C PHE A 477 3.23 15.76 7.45
N PHE A 478 4.23 14.88 7.37
CA PHE A 478 5.59 15.29 7.54
C PHE A 478 6.45 14.30 6.86
N LYS A 479 7.69 14.66 6.57
CA LYS A 479 8.61 13.72 5.97
C LYS A 479 9.81 13.35 6.80
N VAL A 480 10.30 12.14 6.53
CA VAL A 480 11.50 11.62 7.11
C VAL A 480 12.54 11.74 6.02
N THR A 481 13.60 12.52 6.26
CA THR A 481 14.65 12.79 5.23
C THR A 481 15.92 12.03 5.53
N LEU A 482 16.77 11.87 4.50
CA LEU A 482 18.07 11.19 4.57
C LEU A 482 19.23 12.11 4.98
C1 NAG B . -18.39 20.64 -4.78
C2 NAG B . -18.44 21.01 -3.28
C3 NAG B . -19.61 21.94 -3.01
C4 NAG B . -19.58 23.09 -3.99
C5 NAG B . -19.61 22.56 -5.40
C6 NAG B . -19.67 23.71 -6.45
C7 NAG B . -19.61 18.96 -2.35
C8 NAG B . -19.39 17.82 -1.40
N2 NAG B . -18.58 19.79 -2.47
O3 NAG B . -19.58 22.47 -1.67
O4 NAG B . -20.75 23.88 -3.77
O5 NAG B . -18.44 21.76 -5.62
O6 NAG B . -19.71 23.07 -7.73
O7 NAG B . -20.65 19.06 -2.97
C1 NAG C . 24.99 -3.69 5.80
C2 NAG C . 25.78 -4.11 7.03
C3 NAG C . 27.18 -4.58 6.63
C4 NAG C . 27.27 -5.36 5.31
C5 NAG C . 26.31 -4.90 4.23
C6 NAG C . 26.25 -5.96 3.12
C7 NAG C . 25.34 -2.95 9.20
C8 NAG C . 25.43 -1.66 9.96
N2 NAG C . 25.80 -2.96 7.95
O3 NAG C . 27.68 -5.46 7.62
O4 NAG C . 28.57 -5.27 4.75
O5 NAG C . 25.02 -4.71 4.81
O6 NAG C . 26.04 -5.34 1.86
O7 NAG C . 24.87 -3.94 9.74
CU CU1 D . -4.22 -6.26 -14.14
C ACT E . -13.45 11.42 2.90
O ACT E . -14.06 10.66 3.74
OXT ACT E . -14.12 12.15 2.06
CH3 ACT E . -11.92 11.58 3.00
#